data_6PTG
#
_entry.id   6PTG
#
_cell.length_a   83.420
_cell.length_b   83.420
_cell.length_c   99.030
_cell.angle_alpha   90.000
_cell.angle_beta   90.000
_cell.angle_gamma   120.000
#
_symmetry.space_group_name_H-M   'P 32 2 1'
#
loop_
_entity.id
_entity.type
_entity.pdbx_description
1 polymer 'DnaK Suppressor'
2 water water
#
_entity_poly.entity_id   1
_entity_poly.type   'polypeptide(L)'
_entity_poly.pdbx_seq_one_letter_code
;MAHHHHHHMPLTDEEIANFKTRLLEMKAKLSHTLEGNAQEVKKPNEATGYSQHQADQGTDTFDRTISLEVTTKEYKLLRQ
IDRALEKIEEASYGICDVSGEEIPLARLMAIPYATMTVKSQEKFEKGLLSGN
;
_entity_poly.pdbx_strand_id   A,B
#
# COMPACT_ATOMS: atom_id res chain seq x y z
N MET A 9 -12.40 -4.08 -5.76
CA MET A 9 -12.92 -5.34 -6.26
C MET A 9 -12.25 -6.53 -5.57
N PRO A 10 -13.02 -7.57 -5.24
CA PRO A 10 -12.46 -8.74 -4.56
C PRO A 10 -11.41 -9.44 -5.44
N LEU A 11 -10.37 -9.95 -4.79
CA LEU A 11 -9.26 -10.55 -5.52
C LEU A 11 -9.67 -11.83 -6.23
N THR A 12 -9.13 -12.04 -7.42
CA THR A 12 -9.33 -13.24 -8.20
C THR A 12 -8.48 -14.39 -7.66
N ASP A 13 -8.79 -15.61 -8.10
CA ASP A 13 -7.98 -16.76 -7.71
C ASP A 13 -6.59 -16.71 -8.33
N GLU A 14 -6.46 -16.08 -9.50
CA GLU A 14 -5.16 -15.94 -10.14
C GLU A 14 -4.26 -14.98 -9.38
N GLU A 15 -4.84 -13.93 -8.80
CA GLU A 15 -4.06 -12.99 -7.99
C GLU A 15 -3.57 -13.64 -6.71
N ILE A 16 -4.44 -14.44 -6.07
CA ILE A 16 -4.08 -15.06 -4.79
C ILE A 16 -2.97 -16.09 -4.97
N ALA A 17 -3.03 -16.86 -6.06
CA ALA A 17 -1.96 -17.83 -6.31
C ALA A 17 -0.62 -17.14 -6.47
N ASN A 18 -0.61 -15.90 -6.98
CA ASN A 18 0.63 -15.16 -7.10
C ASN A 18 1.14 -14.71 -5.74
N PHE A 19 0.25 -14.26 -4.86
CA PHE A 19 0.66 -13.92 -3.51
C PHE A 19 1.20 -15.13 -2.77
N LYS A 20 0.55 -16.28 -2.92
CA LYS A 20 1.07 -17.52 -2.34
C LYS A 20 2.47 -17.83 -2.86
N THR A 21 2.70 -17.66 -4.16
CA THR A 21 4.03 -17.88 -4.72
C THR A 21 5.04 -16.88 -4.16
N ARG A 22 4.64 -15.61 -4.07
CA ARG A 22 5.54 -14.61 -3.50
C ARG A 22 5.85 -14.93 -2.05
N LEU A 23 4.85 -15.33 -1.27
CA LEU A 23 5.07 -15.60 0.15
C LEU A 23 5.97 -16.81 0.36
N LEU A 24 5.77 -17.87 -0.42
CA LEU A 24 6.65 -19.03 -0.33
C LEU A 24 8.08 -18.67 -0.74
N GLU A 25 8.23 -17.75 -1.70
CA GLU A 25 9.55 -17.30 -2.10
C GLU A 25 10.26 -16.59 -0.95
N MET A 26 9.54 -15.74 -0.22
CA MET A 26 10.11 -15.07 0.94
C MET A 26 10.41 -16.06 2.06
N LYS A 27 9.51 -17.02 2.28
CA LYS A 27 9.72 -18.04 3.31
C LYS A 27 10.97 -18.86 3.04
N ALA A 28 11.24 -19.18 1.76
CA ALA A 28 12.43 -19.93 1.41
C ALA A 28 13.70 -19.09 1.49
N LYS A 29 13.61 -17.79 1.17
CA LYS A 29 14.79 -16.92 1.19
C LYS A 29 15.35 -16.69 2.59
N LEU A 30 14.53 -16.89 3.62
CA LEU A 30 14.97 -16.71 5.00
C LEU A 30 15.64 -17.94 5.59
N SER A 31 15.56 -19.09 4.91
CA SER A 31 16.22 -20.30 5.40
C SER A 31 17.74 -20.19 5.29
N HIS A 32 18.25 -19.64 4.18
CA HIS A 32 19.69 -19.46 4.05
C HIS A 32 20.21 -18.41 5.05
N THR A 33 19.42 -17.39 5.33
CA THR A 33 19.80 -16.34 6.27
C THR A 33 19.74 -16.84 7.71
N THR A 71 17.83 -14.38 14.06
CA THR A 71 17.72 -13.03 14.60
C THR A 71 16.32 -12.79 15.17
N THR A 72 16.18 -11.73 15.97
CA THR A 72 14.88 -11.39 16.53
C THR A 72 13.93 -10.81 15.48
N LYS A 73 14.43 -9.91 14.62
CA LYS A 73 13.57 -9.28 13.63
C LYS A 73 13.09 -10.27 12.57
N GLU A 74 13.93 -11.24 12.19
CA GLU A 74 13.58 -12.17 11.13
C GLU A 74 12.63 -13.28 11.58
N TYR A 75 12.55 -13.56 12.88
CA TYR A 75 11.58 -14.55 13.35
C TYR A 75 10.16 -13.97 13.32
N LYS A 76 10.02 -12.69 13.71
CA LYS A 76 8.73 -12.02 13.61
C LYS A 76 8.19 -12.04 12.18
N LEU A 77 9.08 -11.93 11.19
CA LEU A 77 8.67 -11.91 9.80
C LEU A 77 8.13 -13.27 9.36
N LEU A 78 8.74 -14.36 9.82
CA LEU A 78 8.24 -15.69 9.47
C LEU A 78 6.84 -15.92 10.03
N ARG A 79 6.57 -15.42 11.24
CA ARG A 79 5.24 -15.55 11.81
C ARG A 79 4.20 -14.81 10.97
N GLN A 80 4.54 -13.61 10.47
CA GLN A 80 3.62 -12.89 9.60
C GLN A 80 3.42 -13.61 8.28
N ILE A 81 4.51 -14.14 7.70
CA ILE A 81 4.42 -14.84 6.42
C ILE A 81 3.54 -16.08 6.56
N ASP A 82 3.80 -16.89 7.60
CA ASP A 82 2.99 -18.07 7.84
C ASP A 82 1.52 -17.72 8.02
N ARG A 83 1.23 -16.66 8.78
CA ARG A 83 -0.15 -16.26 8.99
C ARG A 83 -0.80 -15.84 7.68
N ALA A 84 -0.08 -15.12 6.83
CA ALA A 84 -0.62 -14.77 5.51
C ALA A 84 -0.90 -16.03 4.69
N LEU A 85 -0.02 -17.03 4.78
CA LEU A 85 -0.25 -18.29 4.07
C LEU A 85 -1.46 -19.03 4.62
N GLU A 86 -1.63 -19.02 5.95
CA GLU A 86 -2.82 -19.61 6.56
C GLU A 86 -4.08 -18.94 6.05
N LYS A 87 -4.08 -17.60 6.01
CA LYS A 87 -5.26 -16.87 5.56
C LYS A 87 -5.60 -17.20 4.11
N ILE A 88 -4.59 -17.55 3.31
CA ILE A 88 -4.87 -17.99 1.94
C ILE A 88 -5.60 -19.33 1.94
N GLU A 89 -5.22 -20.22 2.87
CA GLU A 89 -5.90 -21.52 2.98
C GLU A 89 -7.30 -21.37 3.56
N GLU A 90 -7.47 -20.46 4.51
CA GLU A 90 -8.76 -20.19 5.14
C GLU A 90 -9.62 -19.22 4.35
N ALA A 91 -9.19 -18.82 3.15
CA ALA A 91 -9.93 -17.90 2.27
C ALA A 91 -10.22 -16.56 2.94
N SER A 92 -9.25 -16.06 3.73
CA SER A 92 -9.37 -14.75 4.35
C SER A 92 -8.19 -13.85 4.01
N TYR A 93 -7.42 -14.18 2.98
CA TYR A 93 -6.31 -13.32 2.59
C TYR A 93 -6.85 -12.00 2.08
N GLY A 94 -6.20 -10.91 2.49
CA GLY A 94 -6.66 -9.58 2.17
C GLY A 94 -7.71 -9.03 3.10
N ILE A 95 -8.11 -9.79 4.12
CA ILE A 95 -9.06 -9.34 5.14
C ILE A 95 -8.30 -9.18 6.44
N CYS A 96 -8.51 -8.02 7.09
CA CYS A 96 -7.78 -7.68 8.30
C CYS A 96 -8.16 -8.62 9.46
N ASP A 97 -7.15 -9.23 10.08
CA ASP A 97 -7.38 -10.14 11.20
C ASP A 97 -8.01 -9.44 12.38
N VAL A 98 -7.79 -8.14 12.52
CA VAL A 98 -8.27 -7.40 13.68
C VAL A 98 -9.66 -6.83 13.43
N SER A 99 -9.86 -6.14 12.31
CA SER A 99 -11.09 -5.39 12.05
C SER A 99 -12.00 -6.04 11.03
N GLY A 100 -11.52 -7.03 10.28
CA GLY A 100 -12.30 -7.59 9.19
C GLY A 100 -12.43 -6.71 7.97
N GLU A 101 -11.79 -5.55 7.97
CA GLU A 101 -11.81 -4.65 6.83
C GLU A 101 -10.91 -5.16 5.71
N GLU A 102 -11.20 -4.70 4.49
CA GLU A 102 -10.38 -5.08 3.35
C GLU A 102 -9.02 -4.40 3.42
N ILE A 103 -7.96 -5.19 3.37
CA ILE A 103 -6.61 -4.63 3.31
C ILE A 103 -6.40 -4.05 1.92
N PRO A 104 -6.00 -2.77 1.80
CA PRO A 104 -5.89 -2.17 0.46
C PRO A 104 -4.92 -2.92 -0.44
N LEU A 105 -5.30 -3.06 -1.71
CA LEU A 105 -4.53 -3.85 -2.65
C LEU A 105 -3.11 -3.30 -2.80
N ALA A 106 -2.96 -1.98 -2.73
CA ALA A 106 -1.62 -1.39 -2.78
C ALA A 106 -0.74 -1.90 -1.65
N ARG A 107 -1.30 -2.03 -0.44
CA ARG A 107 -0.56 -2.55 0.70
C ARG A 107 -0.18 -4.01 0.49
N LEU A 108 -1.10 -4.83 -0.01
CA LEU A 108 -0.79 -6.23 -0.27
C LEU A 108 0.22 -6.37 -1.39
N MET A 109 0.12 -5.53 -2.42
CA MET A 109 1.04 -5.62 -3.55
C MET A 109 2.46 -5.32 -3.10
N ALA A 110 2.63 -4.32 -2.24
CA ALA A 110 3.96 -4.00 -1.72
C ALA A 110 4.39 -4.94 -0.61
N ILE A 111 3.48 -5.27 0.30
CA ILE A 111 3.77 -6.11 1.47
C ILE A 111 2.87 -7.33 1.41
N PRO A 112 3.25 -8.38 0.68
CA PRO A 112 2.33 -9.52 0.51
C PRO A 112 2.05 -10.30 1.78
N TYR A 113 2.84 -10.13 2.85
CA TYR A 113 2.58 -10.79 4.12
C TYR A 113 1.80 -9.91 5.08
N ALA A 114 1.21 -8.82 4.59
CA ALA A 114 0.40 -7.94 5.42
C ALA A 114 -0.94 -8.61 5.74
N THR A 115 -1.20 -8.82 7.02
CA THR A 115 -2.43 -9.46 7.47
C THR A 115 -3.37 -8.51 8.19
N MET A 116 -2.99 -7.24 8.32
CA MET A 116 -3.83 -6.24 8.98
C MET A 116 -3.77 -4.96 8.18
N THR A 117 -4.79 -4.13 8.37
CA THR A 117 -4.73 -2.76 7.90
C THR A 117 -3.67 -2.00 8.70
N VAL A 118 -3.31 -0.82 8.19
CA VAL A 118 -2.31 -0.01 8.88
C VAL A 118 -2.81 0.36 10.28
N LYS A 119 -4.06 0.80 10.37
CA LYS A 119 -4.62 1.20 11.66
C LYS A 119 -4.65 0.03 12.63
N SER A 120 -4.97 -1.17 12.14
CA SER A 120 -5.04 -2.34 13.02
C SER A 120 -3.66 -2.84 13.43
N GLN A 121 -2.68 -2.73 12.54
CA GLN A 121 -1.31 -3.11 12.92
C GLN A 121 -0.78 -2.21 14.01
N GLU A 122 -1.20 -0.94 14.04
CA GLU A 122 -0.88 -0.06 15.16
C GLU A 122 -1.39 -0.64 16.47
N LYS A 123 -2.69 -0.98 16.51
CA LYS A 123 -3.30 -1.57 17.70
C LYS A 123 -2.60 -2.85 18.11
N PHE A 124 -2.21 -3.68 17.13
CA PHE A 124 -1.50 -4.92 17.43
C PHE A 124 -0.16 -4.63 18.09
N GLU A 125 0.63 -3.74 17.49
CA GLU A 125 1.93 -3.41 18.04
C GLU A 125 1.82 -2.76 19.41
N LYS A 126 0.79 -1.95 19.62
CA LYS A 126 0.56 -1.37 20.95
C LYS A 126 0.23 -2.45 21.96
N GLY A 127 -0.50 -3.49 21.53
CA GLY A 127 -0.83 -4.58 22.43
C GLY A 127 0.38 -5.38 22.88
N LEU A 128 1.33 -5.59 21.96
CA LEU A 128 2.57 -6.28 22.32
C LEU A 128 3.34 -5.57 23.43
N LEU A 129 3.11 -4.27 23.62
CA LEU A 129 3.86 -3.52 24.62
C LEU A 129 3.32 -3.73 26.03
N SER A 130 2.05 -4.11 26.16
CA SER A 130 1.49 -4.40 27.48
C SER A 130 2.13 -5.65 28.10
N PRO B 10 1.66 18.40 10.51
CA PRO B 10 0.45 18.10 9.74
C PRO B 10 0.05 19.26 8.82
N LEU B 11 -0.43 18.93 7.62
CA LEU B 11 -0.76 19.93 6.62
C LEU B 11 -1.99 20.74 7.03
N THR B 12 -1.99 22.02 6.71
CA THR B 12 -3.15 22.86 6.95
C THR B 12 -4.21 22.59 5.89
N ASP B 13 -5.44 23.06 6.16
CA ASP B 13 -6.49 22.91 5.17
C ASP B 13 -6.25 23.78 3.94
N GLU B 14 -5.54 24.91 4.10
CA GLU B 14 -5.22 25.74 2.95
C GLU B 14 -4.19 25.07 2.05
N GLU B 15 -3.26 24.32 2.64
CA GLU B 15 -2.27 23.59 1.84
C GLU B 15 -2.92 22.45 1.07
N ILE B 16 -3.85 21.72 1.72
CA ILE B 16 -4.49 20.57 1.08
C ILE B 16 -5.40 21.03 -0.06
N ALA B 17 -6.13 22.12 0.14
CA ALA B 17 -6.94 22.68 -0.94
C ALA B 17 -6.07 23.14 -2.09
N ASN B 18 -4.83 23.56 -1.81
CA ASN B 18 -3.91 23.95 -2.85
C ASN B 18 -3.38 22.73 -3.63
N PHE B 19 -3.09 21.63 -2.92
CA PHE B 19 -2.73 20.39 -3.59
C PHE B 19 -3.90 19.88 -4.43
N LYS B 20 -5.11 19.96 -3.88
CA LYS B 20 -6.30 19.57 -4.63
C LYS B 20 -6.44 20.40 -5.89
N THR B 21 -6.18 21.71 -5.82
CA THR B 21 -6.24 22.54 -7.01
C THR B 21 -5.16 22.14 -8.02
N ARG B 22 -3.94 21.86 -7.56
CA ARG B 22 -2.90 21.39 -8.47
C ARG B 22 -3.28 20.08 -9.12
N LEU B 23 -3.83 19.13 -8.34
CA LEU B 23 -4.14 17.81 -8.87
C LEU B 23 -5.26 17.87 -9.90
N LEU B 24 -6.31 18.64 -9.64
CA LEU B 24 -7.39 18.75 -10.63
C LEU B 24 -6.88 19.39 -11.91
N GLU B 25 -5.96 20.35 -11.80
CA GLU B 25 -5.38 20.97 -12.99
C GLU B 25 -4.55 19.98 -13.80
N MET B 26 -3.78 19.10 -13.13
CA MET B 26 -3.03 18.08 -13.85
C MET B 26 -3.96 17.10 -14.55
N LYS B 27 -5.03 16.68 -13.87
CA LYS B 27 -5.99 15.77 -14.46
C LYS B 27 -6.62 16.38 -15.70
N ALA B 28 -6.91 17.68 -15.67
CA ALA B 28 -7.52 18.33 -16.82
C ALA B 28 -6.50 18.54 -17.94
N LYS B 29 -5.25 18.83 -17.59
CA LYS B 29 -4.22 19.01 -18.63
C LYS B 29 -3.88 17.68 -19.31
N LEU B 30 -4.12 16.55 -18.64
CA LEU B 30 -3.85 15.25 -19.24
C LEU B 30 -5.00 14.71 -20.09
N SER B 31 -6.21 15.26 -19.93
CA SER B 31 -7.31 14.84 -20.80
C SER B 31 -7.13 15.42 -22.20
N HIS B 32 -6.75 16.70 -22.30
CA HIS B 32 -6.49 17.31 -23.59
C HIS B 32 -5.23 16.74 -24.23
N THR B 33 -4.22 16.43 -23.42
CA THR B 33 -2.98 15.87 -23.96
C THR B 33 -3.16 14.42 -24.39
N LEU B 34 -3.75 13.60 -23.53
CA LEU B 34 -4.01 12.20 -23.86
C LEU B 34 -5.42 12.03 -24.43
N THR B 71 -0.80 6.69 -23.77
CA THR B 71 0.40 5.91 -23.49
C THR B 71 0.21 5.04 -22.25
N THR B 72 1.09 4.06 -22.08
CA THR B 72 1.05 3.23 -20.87
C THR B 72 1.51 4.03 -19.66
N LYS B 73 2.55 4.85 -19.84
CA LYS B 73 3.04 5.69 -18.75
C LYS B 73 2.01 6.75 -18.35
N GLU B 74 1.23 7.24 -19.31
CA GLU B 74 0.25 8.28 -19.04
C GLU B 74 -1.01 7.75 -18.37
N TYR B 75 -1.32 6.46 -18.52
CA TYR B 75 -2.45 5.86 -17.81
C TYR B 75 -2.10 5.62 -16.34
N LYS B 76 -0.86 5.15 -16.08
CA LYS B 76 -0.40 4.99 -14.71
C LYS B 76 -0.48 6.30 -13.94
N LEU B 77 -0.23 7.42 -14.62
CA LEU B 77 -0.28 8.72 -13.98
C LEU B 77 -1.72 9.12 -13.62
N LEU B 78 -2.68 8.83 -14.51
CA LEU B 78 -4.06 9.15 -14.22
C LEU B 78 -4.58 8.38 -13.01
N ARG B 79 -4.15 7.13 -12.86
CA ARG B 79 -4.55 6.36 -11.69
C ARG B 79 -3.99 6.97 -10.41
N GLN B 80 -2.73 7.40 -10.43
CA GLN B 80 -2.13 8.02 -9.25
C GLN B 80 -2.80 9.34 -8.89
N ILE B 81 -3.09 10.19 -9.89
CA ILE B 81 -3.72 11.48 -9.61
C ILE B 81 -5.10 11.26 -8.98
N ASP B 82 -5.90 10.36 -9.57
CA ASP B 82 -7.21 10.05 -9.00
C ASP B 82 -7.10 9.54 -7.57
N ARG B 83 -6.11 8.67 -7.29
CA ARG B 83 -5.94 8.16 -5.94
C ARG B 83 -5.54 9.27 -4.97
N ALA B 84 -4.63 10.16 -5.39
CA ALA B 84 -4.27 11.30 -4.54
C ALA B 84 -5.48 12.16 -4.24
N LEU B 85 -6.36 12.36 -5.24
CA LEU B 85 -7.58 13.12 -5.01
C LEU B 85 -8.51 12.40 -4.03
N GLU B 86 -8.62 11.07 -4.15
CA GLU B 86 -9.41 10.31 -3.19
C GLU B 86 -8.86 10.45 -1.78
N LYS B 87 -7.54 10.36 -1.61
CA LYS B 87 -6.97 10.49 -0.28
C LYS B 87 -7.26 11.86 0.32
N ILE B 88 -7.40 12.88 -0.51
CA ILE B 88 -7.79 14.20 0.03
C ILE B 88 -9.22 14.13 0.54
N GLU B 89 -10.10 13.42 -0.16
CA GLU B 89 -11.49 13.27 0.30
C GLU B 89 -11.57 12.36 1.52
N GLU B 90 -10.74 11.31 1.57
CA GLU B 90 -10.72 10.40 2.70
C GLU B 90 -9.87 10.90 3.87
N ALA B 91 -9.33 12.12 3.76
CA ALA B 91 -8.49 12.74 4.80
C ALA B 91 -7.25 11.89 5.12
N SER B 92 -6.66 11.29 4.09
CA SER B 92 -5.43 10.52 4.24
C SER B 92 -4.31 11.04 3.34
N TYR B 93 -4.46 12.26 2.80
CA TYR B 93 -3.41 12.80 1.96
C TYR B 93 -2.14 13.04 2.78
N GLY B 94 -1.01 12.66 2.21
CA GLY B 94 0.25 12.71 2.92
C GLY B 94 0.55 11.50 3.76
N ILE B 95 -0.33 10.51 3.79
CA ILE B 95 -0.11 9.26 4.50
C ILE B 95 0.10 8.16 3.49
N CYS B 96 1.15 7.36 3.70
CA CYS B 96 1.53 6.32 2.76
C CYS B 96 0.47 5.21 2.72
N ASP B 97 -0.02 4.91 1.50
CA ASP B 97 -1.00 3.84 1.32
C ASP B 97 -0.47 2.46 1.71
N VAL B 98 0.85 2.27 1.70
CA VAL B 98 1.44 0.97 2.01
C VAL B 98 1.76 0.86 3.49
N SER B 99 2.46 1.84 4.04
CA SER B 99 3.00 1.75 5.39
C SER B 99 2.29 2.63 6.41
N GLY B 100 1.50 3.61 5.96
CA GLY B 100 0.95 4.58 6.87
C GLY B 100 1.93 5.62 7.36
N GLU B 101 3.17 5.62 6.87
CA GLU B 101 4.14 6.62 7.26
C GLU B 101 3.81 7.96 6.60
N GLU B 102 4.28 9.03 7.23
CA GLU B 102 4.08 10.37 6.68
C GLU B 102 4.98 10.56 5.47
N ILE B 103 4.40 10.91 4.33
CA ILE B 103 5.15 11.22 3.12
C ILE B 103 5.85 12.56 3.30
N PRO B 104 7.16 12.67 3.03
CA PRO B 104 7.87 13.93 3.29
C PRO B 104 7.26 15.10 2.53
N LEU B 105 7.23 16.27 3.21
CA LEU B 105 6.56 17.44 2.64
C LEU B 105 7.17 17.87 1.32
N ALA B 106 8.49 17.75 1.18
CA ALA B 106 9.14 18.07 -0.09
C ALA B 106 8.63 17.18 -1.21
N ARG B 107 8.48 15.88 -0.92
CA ARG B 107 8.01 14.94 -1.94
C ARG B 107 6.62 15.29 -2.41
N LEU B 108 5.74 15.68 -1.49
CA LEU B 108 4.41 16.10 -1.90
C LEU B 108 4.46 17.40 -2.72
N MET B 109 5.33 18.34 -2.33
CA MET B 109 5.43 19.60 -3.06
C MET B 109 5.95 19.40 -4.47
N ALA B 110 6.94 18.52 -4.65
CA ALA B 110 7.46 18.24 -5.98
C ALA B 110 6.52 17.31 -6.75
N ILE B 111 5.98 16.31 -6.07
CA ILE B 111 5.10 15.31 -6.68
C ILE B 111 3.77 15.31 -5.96
N PRO B 112 2.80 16.16 -6.34
CA PRO B 112 1.55 16.25 -5.57
C PRO B 112 0.69 14.98 -5.64
N TYR B 113 0.95 14.07 -6.58
CA TYR B 113 0.22 12.81 -6.69
C TYR B 113 0.93 11.65 -6.00
N ALA B 114 1.91 11.94 -5.14
CA ALA B 114 2.59 10.89 -4.41
C ALA B 114 1.67 10.34 -3.33
N THR B 115 1.37 9.05 -3.42
CA THR B 115 0.50 8.37 -2.45
C THR B 115 1.25 7.37 -1.58
N MET B 116 2.55 7.18 -1.80
CA MET B 116 3.36 6.27 -1.02
C MET B 116 4.69 6.94 -0.72
N THR B 117 5.35 6.49 0.33
CA THR B 117 6.73 6.88 0.53
C THR B 117 7.56 6.29 -0.61
N VAL B 118 8.79 6.81 -0.77
CA VAL B 118 9.64 6.31 -1.84
C VAL B 118 9.93 4.82 -1.65
N LYS B 119 10.29 4.43 -0.43
CA LYS B 119 10.55 3.02 -0.16
C LYS B 119 9.32 2.15 -0.40
N SER B 120 8.13 2.66 -0.08
CA SER B 120 6.92 1.86 -0.30
C SER B 120 6.57 1.77 -1.77
N GLN B 121 6.83 2.84 -2.54
CA GLN B 121 6.59 2.77 -3.97
C GLN B 121 7.53 1.77 -4.63
N GLU B 122 8.77 1.70 -4.15
CA GLU B 122 9.71 0.69 -4.63
C GLU B 122 9.15 -0.71 -4.40
N LYS B 123 8.73 -1.00 -3.17
CA LYS B 123 8.13 -2.31 -2.88
C LYS B 123 6.90 -2.55 -3.74
N PHE B 124 6.05 -1.53 -3.92
CA PHE B 124 4.84 -1.68 -4.72
C PHE B 124 5.16 -1.97 -6.18
N GLU B 125 6.06 -1.18 -6.79
CA GLU B 125 6.37 -1.38 -8.20
C GLU B 125 6.98 -2.76 -8.44
N LYS B 126 7.81 -3.24 -7.52
CA LYS B 126 8.38 -4.57 -7.65
C LYS B 126 7.32 -5.66 -7.54
N GLY B 127 6.29 -5.43 -6.73
CA GLY B 127 5.22 -6.42 -6.62
C GLY B 127 4.43 -6.61 -7.90
N LEU B 128 4.17 -5.51 -8.63
CA LEU B 128 3.45 -5.59 -9.89
C LEU B 128 4.15 -6.47 -10.93
N LEU B 129 5.46 -6.66 -10.81
CA LEU B 129 6.20 -7.43 -11.82
C LEU B 129 6.02 -8.94 -11.67
N SER B 130 5.63 -9.42 -10.48
CA SER B 130 5.41 -10.85 -10.30
C SER B 130 4.24 -11.32 -11.16
N GLY B 131 4.40 -12.49 -11.78
CA GLY B 131 3.39 -13.04 -12.65
C GLY B 131 3.56 -12.63 -14.11
#